data_4YYC
#
_entry.id   4YYC
#
_cell.length_a   89.162
_cell.length_b   60.025
_cell.length_c   88.345
_cell.angle_alpha   90.000
_cell.angle_beta   90.000
_cell.angle_gamma   90.000
#
_symmetry.space_group_name_H-M   'P 21 21 2'
#
loop_
_entity.id
_entity.type
_entity.pdbx_description
1 polymer 'Putative trimethylamine methyltransferase'
2 non-polymer 'UNKNOWN LIGAND'
3 non-polymer 'CHLORIDE ION'
4 water water
#
_entity_poly.entity_id   1
_entity_poly.type   'polypeptide(L)'
_entity_poly.pdbx_seq_one_letter_code
;S(MSE)SDVTEQGAAEGGGRRARGEGRGAAARRASRTGGGPGPSLPYIQRRIREYEVLDEEGLQLIERNADVVLEEIGIE
FRDDAEALDLWKAAGADVRGQRVHFPKGLCRELLKTAPKDFTWHARNPERNAQIGGKATVFAPVYGPPFVRDLDGNRRYA
TIEDFRNFVKLAY(MSE)APS(MSE)HSSGGTVCEPVDIAVNKRHLD(MSE)VYSHIRYSDKPF(MSE)GSVTAPERAED
TVA(MSE)AKILFGDDFVENNAVTLNLINANSP(MSE)VFDET(MSE)LGAAKVYARHNQACVVSPFILSGA(MSE)SPV
TVAGTLTQILAEVLAGAAFTQLIRKGAPVLFGTFAASIS(MSE)QSGAPTFGTPEPSLVSYGAAQLARRLGLPFRTGGSL
CGSKVPDAQAAHESANTLN(MSE)TLLAGTNFVLHAAGWLEGGLVSSYEKF(MSE)IDQDQLG(MSE)(MSE)QK(MSE)
AEGVDLSEDAQALDAIREVGPGSHYLGCAHTQANFQSAFYRSPLADNNSFEQWEIEGEKRIEQRANALARSWLEHYEAPY
LDPAIDEALKEFIAKRKDS(MSE)PDAFT
;
_entity_poly.pdbx_strand_id   A
#
# COMPACT_ATOMS: atom_id res chain seq x y z
N GLY A 36 -24.59 -0.98 9.08
CA GLY A 36 -23.29 -0.94 8.35
C GLY A 36 -22.74 0.45 8.04
N PRO A 37 -21.69 0.52 7.20
CA PRO A 37 -21.10 1.83 6.90
C PRO A 37 -21.77 2.51 5.75
N GLY A 38 -21.41 3.73 5.47
CA GLY A 38 -21.94 4.38 4.28
C GLY A 38 -21.35 3.78 3.00
N PRO A 39 -21.69 4.37 1.85
CA PRO A 39 -21.09 3.93 0.60
C PRO A 39 -19.59 4.19 0.56
N SER A 40 -18.88 3.39 -0.21
CA SER A 40 -17.46 3.59 -0.37
C SER A 40 -17.19 4.87 -1.16
N LEU A 41 -16.14 5.59 -0.78
CA LEU A 41 -15.66 6.79 -1.43
C LEU A 41 -14.58 6.43 -2.46
N PRO A 42 -14.48 7.20 -3.55
CA PRO A 42 -13.40 6.95 -4.50
C PRO A 42 -12.08 7.44 -3.96
N TYR A 43 -11.01 7.11 -4.67
CA TYR A 43 -9.67 7.51 -4.31
C TYR A 43 -9.59 9.00 -3.97
N ILE A 44 -8.70 9.32 -3.05
CA ILE A 44 -8.47 10.70 -2.66
C ILE A 44 -7.79 11.48 -3.78
N GLN A 45 -8.30 12.69 -4.05
CA GLN A 45 -7.61 13.65 -4.89
C GLN A 45 -7.18 14.77 -3.97
N ARG A 46 -5.89 14.84 -3.66
CA ARG A 46 -5.39 15.84 -2.71
C ARG A 46 -5.46 17.25 -3.25
N ARG A 47 -6.05 18.14 -2.45
CA ARG A 47 -6.11 19.57 -2.76
CA ARG A 47 -6.10 19.57 -2.77
C ARG A 47 -5.07 20.30 -1.92
N ILE A 48 -4.54 19.62 -0.91
CA ILE A 48 -3.53 20.15 -0.03
C ILE A 48 -2.15 19.90 -0.63
N ARG A 49 -1.16 20.64 -0.13
CA ARG A 49 0.25 20.62 -0.56
CA ARG A 49 0.18 20.53 -0.69
C ARG A 49 1.04 19.47 0.01
N GLU A 50 2.13 19.10 -0.68
CA GLU A 50 3.09 18.11 -0.16
C GLU A 50 4.07 18.78 0.80
N TYR A 51 4.32 18.16 1.95
CA TYR A 51 5.29 18.66 2.90
C TYR A 51 6.67 18.16 2.55
N GLU A 52 7.62 19.06 2.50
CA GLU A 52 9.01 18.82 2.07
C GLU A 52 9.97 18.98 3.23
N VAL A 53 10.96 18.08 3.29
CA VAL A 53 12.06 18.16 4.21
C VAL A 53 13.43 18.43 3.62
N LEU A 54 13.61 18.30 2.31
CA LEU A 54 14.90 18.55 1.67
C LEU A 54 14.75 19.74 0.75
N ASP A 55 15.73 20.62 0.77
CA ASP A 55 15.78 21.72 -0.22
C ASP A 55 16.50 21.27 -1.48
N GLU A 56 16.59 22.15 -2.48
CA GLU A 56 17.08 21.75 -3.79
C GLU A 56 18.49 21.18 -3.66
N GLU A 57 19.34 21.82 -2.86
CA GLU A 57 20.72 21.37 -2.71
C GLU A 57 20.77 19.98 -2.10
N GLY A 58 19.93 19.72 -1.10
CA GLY A 58 19.86 18.42 -0.46
C GLY A 58 19.36 17.36 -1.42
N LEU A 59 18.37 17.70 -2.23
CA LEU A 59 17.84 16.74 -3.19
C LEU A 59 18.92 16.38 -4.22
N GLN A 60 19.58 17.39 -4.77
CA GLN A 60 20.68 17.16 -5.69
C GLN A 60 21.81 16.33 -5.09
N LEU A 61 22.08 16.54 -3.80
CA LEU A 61 23.11 15.80 -3.11
C LEU A 61 22.80 14.31 -3.04
N ILE A 62 21.58 14.02 -2.62
CA ILE A 62 21.12 12.63 -2.54
C ILE A 62 21.11 11.98 -3.92
N GLU A 63 20.63 12.70 -4.93
CA GLU A 63 20.58 12.17 -6.31
C GLU A 63 22.00 11.88 -6.83
N ARG A 64 22.92 12.80 -6.59
CA ARG A 64 24.28 12.61 -7.02
C ARG A 64 24.94 11.41 -6.32
N ASN A 65 24.72 11.32 -5.01
CA ASN A 65 25.28 10.22 -4.24
C ASN A 65 24.69 8.87 -4.64
N ALA A 66 23.40 8.82 -4.99
CA ALA A 66 22.85 7.57 -5.49
C ALA A 66 23.44 7.13 -6.80
N ASP A 67 23.76 8.07 -7.67
CA ASP A 67 24.41 7.71 -8.92
C ASP A 67 25.83 7.18 -8.68
N VAL A 68 26.53 7.77 -7.72
CA VAL A 68 27.82 7.21 -7.28
C VAL A 68 27.72 5.76 -6.80
N VAL A 69 26.79 5.49 -5.91
CA VAL A 69 26.56 4.11 -5.43
C VAL A 69 26.31 3.16 -6.61
N LEU A 70 25.43 3.57 -7.51
CA LEU A 70 25.06 2.71 -8.64
C LEU A 70 26.23 2.38 -9.56
N GLU A 71 27.15 3.34 -9.74
CA GLU A 71 28.31 3.10 -10.57
C GLU A 71 29.42 2.34 -9.83
N GLU A 72 29.82 2.82 -8.67
CA GLU A 72 30.96 2.26 -7.94
C GLU A 72 30.69 0.96 -7.23
N ILE A 73 29.51 0.83 -6.64
CA ILE A 73 29.17 -0.32 -5.80
C ILE A 73 28.30 -1.28 -6.58
N GLY A 74 27.26 -0.77 -7.23
CA GLY A 74 26.37 -1.58 -8.03
C GLY A 74 25.28 -2.24 -7.21
N ILE A 75 24.43 -2.97 -7.91
CA ILE A 75 23.31 -3.67 -7.31
C ILE A 75 23.36 -5.12 -7.78
N GLU A 76 23.21 -6.05 -6.86
CA GLU A 76 23.16 -7.47 -7.24
C GLU A 76 21.81 -7.84 -7.84
N PHE A 77 21.84 -8.56 -8.97
CA PHE A 77 20.67 -9.17 -9.54
C PHE A 77 20.99 -10.64 -9.48
N ARG A 78 20.45 -11.33 -8.48
CA ARG A 78 20.92 -12.69 -8.18
C ARG A 78 20.07 -13.80 -8.77
N ASP A 79 20.76 -14.85 -9.23
CA ASP A 79 20.15 -16.09 -9.69
C ASP A 79 19.17 -15.84 -10.84
N ASP A 80 19.50 -14.87 -11.72
CA ASP A 80 18.66 -14.50 -12.87
C ASP A 80 19.53 -14.07 -14.05
N ALA A 81 19.91 -15.09 -14.83
CA ALA A 81 20.80 -14.86 -15.95
C ALA A 81 20.18 -13.96 -17.00
N GLU A 82 18.89 -14.09 -17.21
CA GLU A 82 18.19 -13.23 -18.16
C GLU A 82 18.32 -11.74 -17.76
N ALA A 83 18.18 -11.47 -16.47
CA ALA A 83 18.29 -10.09 -16.00
C ALA A 83 19.68 -9.54 -16.28
N LEU A 84 20.70 -10.35 -16.05
CA LEU A 84 22.07 -9.90 -16.33
C LEU A 84 22.27 -9.61 -17.83
N ASP A 85 21.71 -10.46 -18.67
CA ASP A 85 21.80 -10.22 -20.11
C ASP A 85 21.08 -8.96 -20.50
N LEU A 86 19.93 -8.69 -19.89
CA LEU A 86 19.21 -7.46 -20.20
C LEU A 86 20.02 -6.22 -19.84
N TRP A 87 20.69 -6.28 -18.69
CA TRP A 87 21.50 -5.15 -18.22
C TRP A 87 22.73 -4.95 -19.11
N LYS A 88 23.39 -6.03 -19.50
CA LYS A 88 24.56 -5.89 -20.36
C LYS A 88 24.13 -5.25 -21.68
N ALA A 89 23.00 -5.69 -22.21
CA ALA A 89 22.50 -5.15 -23.48
C ALA A 89 22.14 -3.68 -23.40
N ALA A 90 21.64 -3.25 -22.26
CA ALA A 90 21.29 -1.87 -22.01
C ALA A 90 22.51 -0.98 -21.77
N GLY A 91 23.69 -1.58 -21.59
CA GLY A 91 24.95 -0.85 -21.46
C GLY A 91 25.55 -0.78 -20.06
N ALA A 92 25.04 -1.57 -19.13
CA ALA A 92 25.62 -1.66 -17.80
C ALA A 92 26.80 -2.60 -17.77
N ASP A 93 27.63 -2.49 -16.74
CA ASP A 93 28.84 -3.32 -16.61
C ASP A 93 28.53 -4.42 -15.60
N VAL A 94 28.43 -5.66 -16.06
CA VAL A 94 28.07 -6.77 -15.20
C VAL A 94 29.31 -7.50 -14.76
N ARG A 95 29.49 -7.63 -13.46
CA ARG A 95 30.66 -8.28 -12.85
C ARG A 95 30.13 -9.38 -11.93
N GLY A 96 30.15 -10.62 -12.40
CA GLY A 96 29.42 -11.69 -11.69
C GLY A 96 27.93 -11.40 -11.70
N GLN A 97 27.36 -11.28 -10.51
CA GLN A 97 25.95 -10.92 -10.36
C GLN A 97 25.78 -9.48 -9.98
N ARG A 98 26.87 -8.70 -9.97
CA ARG A 98 26.78 -7.27 -9.60
C ARG A 98 26.65 -6.43 -10.86
N VAL A 99 25.61 -5.61 -10.92
CA VAL A 99 25.43 -4.71 -12.04
C VAL A 99 25.89 -3.30 -11.66
N HIS A 100 26.89 -2.77 -12.40
CA HIS A 100 27.39 -1.41 -12.22
C HIS A 100 26.79 -0.54 -13.32
N PHE A 101 26.23 0.61 -12.93
CA PHE A 101 25.43 1.42 -13.85
C PHE A 101 26.16 2.71 -14.20
N PRO A 102 26.31 3.00 -15.51
CA PRO A 102 26.76 4.32 -15.91
C PRO A 102 25.82 5.38 -15.38
N LYS A 103 26.36 6.54 -15.14
CA LYS A 103 25.57 7.59 -14.52
C LYS A 103 24.45 8.04 -15.45
N GLY A 104 23.23 8.05 -14.91
CA GLY A 104 22.05 8.47 -15.61
C GLY A 104 21.29 7.37 -16.31
N LEU A 105 21.87 6.18 -16.46
CA LEU A 105 21.26 5.15 -17.28
C LEU A 105 19.87 4.79 -16.79
N CYS A 106 19.77 4.50 -15.50
CA CYS A 106 18.48 4.11 -14.93
C CYS A 106 17.43 5.20 -15.09
N ARG A 107 17.83 6.43 -14.81
CA ARG A 107 16.91 7.54 -14.94
C ARG A 107 16.43 7.70 -16.40
N GLU A 108 17.33 7.56 -17.38
CA GLU A 108 16.95 7.60 -18.79
C GLU A 108 16.00 6.48 -19.18
N LEU A 109 16.29 5.26 -18.72
CA LEU A 109 15.42 4.12 -18.99
C LEU A 109 14.04 4.34 -18.43
N LEU A 110 13.95 5.05 -17.31
CA LEU A 110 12.66 5.29 -16.66
C LEU A 110 11.83 6.36 -17.33
N LYS A 111 12.36 7.02 -18.36
CA LYS A 111 11.56 7.98 -19.08
C LYS A 111 10.33 7.41 -19.73
N THR A 112 10.34 6.14 -20.03
CA THR A 112 9.18 5.46 -20.56
C THR A 112 8.11 5.05 -19.53
N ALA A 113 8.42 5.15 -18.23
CA ALA A 113 7.48 4.70 -17.22
C ALA A 113 6.40 5.79 -17.06
N PRO A 114 5.13 5.39 -16.91
CA PRO A 114 4.07 6.40 -16.74
C PRO A 114 4.13 7.10 -15.38
N LYS A 115 3.99 8.44 -15.38
CA LYS A 115 3.93 9.20 -14.14
C LYS A 115 2.67 8.86 -13.38
N ASP A 116 1.61 8.52 -14.09
CA ASP A 116 0.36 8.12 -13.47
C ASP A 116 -0.37 7.16 -14.38
N PHE A 117 -1.22 6.33 -13.81
CA PHE A 117 -2.00 5.36 -14.55
C PHE A 117 -3.21 4.94 -13.75
N THR A 118 -4.18 4.31 -14.42
CA THR A 118 -5.36 3.80 -13.75
C THR A 118 -5.15 2.35 -13.29
N TRP A 119 -5.49 2.08 -12.04
CA TRP A 119 -5.63 0.74 -11.50
C TRP A 119 -7.09 0.38 -11.64
N HIS A 120 -7.37 -0.49 -12.63
CA HIS A 120 -8.75 -0.79 -12.96
C HIS A 120 -9.33 -1.80 -11.99
N ALA A 121 -10.58 -1.61 -11.66
CA ALA A 121 -11.33 -2.53 -10.79
C ALA A 121 -12.39 -3.21 -11.61
N ARG A 122 -12.84 -4.37 -11.16
CA ARG A 122 -13.84 -5.10 -11.92
C ARG A 122 -15.17 -4.35 -11.94
N ASN A 123 -15.45 -3.55 -10.91
CA ASN A 123 -16.47 -2.53 -10.95
C ASN A 123 -15.77 -1.22 -11.31
N PRO A 124 -15.98 -0.69 -12.54
CA PRO A 124 -15.21 0.48 -12.99
C PRO A 124 -15.39 1.73 -12.15
N GLU A 125 -16.48 1.81 -11.41
CA GLU A 125 -16.65 2.92 -10.46
C GLU A 125 -15.60 2.93 -9.35
N ARG A 126 -14.96 1.80 -9.13
CA ARG A 126 -13.93 1.66 -8.11
C ARG A 126 -12.53 1.79 -8.67
N ASN A 127 -12.40 2.16 -9.95
CA ASN A 127 -11.07 2.40 -10.51
C ASN A 127 -10.33 3.43 -9.67
N ALA A 128 -9.01 3.31 -9.57
CA ALA A 128 -8.19 4.23 -8.74
C ALA A 128 -7.06 4.77 -9.54
N GLN A 129 -6.83 6.05 -9.46
CA GLN A 129 -5.65 6.64 -10.07
C GLN A 129 -4.45 6.34 -9.22
N ILE A 130 -3.34 5.95 -9.86
CA ILE A 130 -2.06 5.78 -9.18
C ILE A 130 -1.10 6.83 -9.73
N GLY A 131 -0.72 7.79 -8.88
CA GLY A 131 0.17 8.86 -9.28
C GLY A 131 -0.45 10.23 -9.14
N GLY A 132 0.40 11.24 -9.30
CA GLY A 132 -0.01 12.63 -9.24
C GLY A 132 -0.56 13.03 -7.89
N LYS A 133 -1.71 13.69 -7.92
CA LYS A 133 -2.37 14.15 -6.67
C LYS A 133 -3.22 13.11 -5.97
N ALA A 134 -3.24 11.88 -6.46
CA ALA A 134 -4.12 10.87 -5.94
C ALA A 134 -3.49 10.14 -4.75
N THR A 135 -4.34 9.65 -3.86
CA THR A 135 -3.92 8.79 -2.75
C THR A 135 -4.89 7.63 -2.66
N VAL A 136 -4.32 6.40 -2.63
CA VAL A 136 -5.09 5.17 -2.63
C VAL A 136 -4.64 4.35 -1.42
N PHE A 137 -5.59 4.01 -0.54
CA PHE A 137 -5.34 3.23 0.65
C PHE A 137 -5.62 1.74 0.39
N ALA A 138 -4.72 0.88 0.88
CA ALA A 138 -4.87 -0.58 0.82
C ALA A 138 -4.62 -1.18 2.18
N PRO A 139 -5.16 -2.37 2.43
CA PRO A 139 -4.92 -2.99 3.75
C PRO A 139 -3.51 -3.46 4.04
N VAL A 140 -3.32 -3.77 5.32
CA VAL A 140 -2.22 -4.63 5.77
C VAL A 140 -1.89 -5.74 4.78
N TYR A 141 -0.59 -6.02 4.65
CA TYR A 141 -0.09 -7.08 3.76
C TYR A 141 0.99 -7.88 4.49
N GLY A 142 0.85 -9.19 4.48
CA GLY A 142 1.88 -10.11 4.97
C GLY A 142 1.69 -10.91 6.25
N PRO A 143 0.89 -10.44 7.25
CA PRO A 143 0.98 -11.17 8.52
C PRO A 143 0.56 -12.65 8.48
N PRO A 144 1.31 -13.50 9.18
CA PRO A 144 0.90 -14.90 9.30
C PRO A 144 -0.01 -15.17 10.47
N PHE A 145 -0.12 -14.19 11.38
CA PHE A 145 -1.00 -14.29 12.54
C PHE A 145 -2.13 -13.30 12.43
N VAL A 146 -3.24 -13.65 13.08
CA VAL A 146 -4.30 -12.68 13.35
C VAL A 146 -4.48 -12.50 14.84
N ARG A 147 -5.03 -11.33 15.22
CA ARG A 147 -5.68 -11.20 16.50
C ARG A 147 -7.15 -11.22 16.24
N ASP A 148 -7.80 -12.32 16.61
CA ASP A 148 -9.18 -12.53 16.18
C ASP A 148 -10.16 -11.75 17.06
N LEU A 149 -11.45 -11.83 16.73
CA LEU A 149 -12.46 -11.07 17.43
C LEU A 149 -12.73 -11.61 18.83
N ASP A 150 -12.19 -12.80 19.13
CA ASP A 150 -12.28 -13.34 20.51
C ASP A 150 -11.01 -13.08 21.33
N GLY A 151 -10.09 -12.32 20.78
CA GLY A 151 -8.84 -11.95 21.44
C GLY A 151 -7.67 -12.94 21.31
N ASN A 152 -7.80 -13.94 20.46
CA ASN A 152 -6.77 -14.93 20.35
C ASN A 152 -5.75 -14.50 19.31
N ARG A 153 -4.46 -14.63 19.65
CA ARG A 153 -3.40 -14.52 18.67
C ARG A 153 -3.16 -15.92 18.13
N ARG A 154 -3.36 -16.11 16.83
CA ARG A 154 -3.28 -17.44 16.25
C ARG A 154 -2.91 -17.35 14.79
N TYR A 155 -2.53 -18.47 14.15
CA TYR A 155 -2.27 -18.41 12.71
C TYR A 155 -3.51 -18.02 11.96
N ALA A 156 -3.32 -17.18 10.96
CA ALA A 156 -4.38 -16.73 10.08
C ALA A 156 -4.87 -17.88 9.17
N THR A 157 -6.17 -17.80 8.80
CA THR A 157 -6.81 -18.80 7.94
C THR A 157 -7.43 -18.12 6.76
N ILE A 158 -7.89 -18.95 5.80
CA ILE A 158 -8.63 -18.39 4.67
C ILE A 158 -9.91 -17.70 5.10
N GLU A 159 -10.57 -18.19 6.15
CA GLU A 159 -11.73 -17.50 6.70
C GLU A 159 -11.35 -16.08 7.15
N ASP A 160 -10.20 -15.93 7.84
CA ASP A 160 -9.76 -14.59 8.19
C ASP A 160 -9.46 -13.74 6.97
N PHE A 161 -8.79 -14.35 5.99
CA PHE A 161 -8.48 -13.63 4.74
C PHE A 161 -9.77 -13.05 4.16
N ARG A 162 -10.78 -13.91 4.05
CA ARG A 162 -12.06 -13.46 3.52
C ARG A 162 -12.68 -12.35 4.39
N ASN A 163 -12.60 -12.49 5.70
CA ASN A 163 -13.13 -11.45 6.57
C ASN A 163 -12.44 -10.10 6.31
N PHE A 164 -11.13 -10.09 6.15
CA PHE A 164 -10.41 -8.85 5.86
C PHE A 164 -10.79 -8.29 4.51
N VAL A 165 -10.97 -9.15 3.51
CA VAL A 165 -11.46 -8.68 2.24
C VAL A 165 -12.83 -8.02 2.39
N LYS A 166 -13.73 -8.67 3.14
CA LYS A 166 -15.04 -8.11 3.40
C LYS A 166 -14.98 -6.75 4.09
N LEU A 167 -14.14 -6.64 5.14
CA LEU A 167 -14.04 -5.38 5.87
C LEU A 167 -13.44 -4.28 5.01
N ALA A 168 -12.49 -4.64 4.15
CA ALA A 168 -11.92 -3.69 3.22
C ALA A 168 -12.95 -3.22 2.17
N TYR A 169 -13.80 -4.13 1.72
CA TYR A 169 -14.89 -3.80 0.79
C TYR A 169 -15.84 -2.78 1.43
N ALA A 171 -15.23 -0.81 4.28
CA ALA A 171 -14.60 0.40 4.85
C ALA A 171 -14.68 1.53 3.78
N PRO A 172 -15.30 2.66 4.13
CA PRO A 172 -15.58 3.62 3.05
C PRO A 172 -14.33 4.27 2.44
N SER A 173 -13.25 4.42 3.20
CA SER A 173 -12.03 5.02 2.65
C SER A 173 -10.94 4.03 2.37
N HIS A 175 -9.60 2.08 -0.44
CA HIS A 175 -9.87 2.16 -1.87
C HIS A 175 -9.50 0.89 -2.61
N SER A 176 -8.56 0.14 -2.09
CA SER A 176 -8.13 -1.14 -2.67
C SER A 176 -8.46 -2.27 -1.75
N SER A 177 -8.73 -3.43 -2.34
CA SER A 177 -8.93 -4.69 -1.63
C SER A 177 -7.64 -5.22 -1.02
N GLY A 178 -6.52 -4.83 -1.59
CA GLY A 178 -5.22 -5.31 -1.11
C GLY A 178 -4.75 -6.61 -1.79
N GLY A 179 -3.82 -7.25 -1.08
CA GLY A 179 -3.17 -8.44 -1.56
C GLY A 179 -3.18 -9.49 -0.48
N THR A 180 -2.05 -9.73 0.14
CA THR A 180 -1.92 -10.76 1.17
C THR A 180 -2.39 -10.16 2.51
N VAL A 181 -3.70 -10.00 2.65
CA VAL A 181 -4.25 -9.33 3.84
C VAL A 181 -3.89 -10.10 5.11
N CYS A 182 -3.76 -11.41 4.96
CA CYS A 182 -3.04 -12.26 5.90
C CYS A 182 -2.58 -13.49 5.13
N GLU A 183 -1.75 -14.30 5.73
CA GLU A 183 -1.25 -15.51 5.09
C GLU A 183 -2.09 -16.69 5.57
N PRO A 184 -2.93 -17.29 4.71
CA PRO A 184 -3.83 -18.39 5.20
C PRO A 184 -3.11 -19.71 5.40
N VAL A 185 -3.05 -20.16 6.64
CA VAL A 185 -2.24 -21.34 6.97
C VAL A 185 -2.91 -22.63 6.53
N ASP A 186 -4.21 -22.59 6.31
CA ASP A 186 -5.01 -23.81 6.14
C ASP A 186 -5.27 -24.20 4.67
N ILE A 187 -4.50 -23.61 3.76
CA ILE A 187 -4.43 -24.03 2.38
C ILE A 187 -2.94 -24.25 2.08
N ALA A 188 -2.65 -25.30 1.32
CA ALA A 188 -1.25 -25.59 0.99
C ALA A 188 -0.53 -24.43 0.38
N VAL A 189 0.75 -24.34 0.65
CA VAL A 189 1.56 -23.21 0.22
C VAL A 189 1.57 -23.02 -1.30
N ASN A 190 1.57 -24.13 -2.05
CA ASN A 190 1.59 -24.05 -3.50
C ASN A 190 0.23 -23.79 -4.12
N LYS A 191 -0.85 -23.73 -3.32
CA LYS A 191 -2.18 -23.51 -3.88
C LYS A 191 -2.89 -22.27 -3.38
N ARG A 192 -2.48 -21.79 -2.23
CA ARG A 192 -3.24 -20.73 -1.54
C ARG A 192 -3.38 -19.45 -2.33
N HIS A 193 -2.40 -19.13 -3.17
CA HIS A 193 -2.50 -17.94 -4.03
C HIS A 193 -3.77 -17.90 -4.86
N LEU A 194 -4.24 -19.06 -5.28
CA LEU A 194 -5.42 -19.14 -6.12
C LEU A 194 -6.66 -18.69 -5.33
N ASP A 195 -6.77 -19.19 -4.12
CA ASP A 195 -7.87 -18.79 -3.20
C ASP A 195 -7.80 -17.34 -2.76
N VAL A 197 -6.36 -14.77 -4.53
CA VAL A 197 -6.85 -13.92 -5.62
C VAL A 197 -8.38 -14.05 -5.79
N TYR A 198 -8.87 -15.28 -5.76
CA TYR A 198 -10.31 -15.51 -5.90
C TYR A 198 -11.09 -14.72 -4.85
N SER A 199 -10.57 -14.68 -3.64
CA SER A 199 -11.26 -13.96 -2.54
C SER A 199 -11.44 -12.48 -2.85
N HIS A 200 -10.42 -11.85 -3.43
CA HIS A 200 -10.52 -10.45 -3.85
C HIS A 200 -11.55 -10.22 -4.94
N ILE A 201 -11.85 -11.25 -5.71
CA ILE A 201 -12.84 -11.14 -6.78
C ILE A 201 -14.23 -11.42 -6.28
N ARG A 202 -14.37 -12.47 -5.47
CA ARG A 202 -15.69 -12.94 -5.00
CA ARG A 202 -15.68 -12.95 -4.99
C ARG A 202 -16.26 -12.01 -3.94
N TYR A 203 -15.42 -11.50 -3.03
CA TYR A 203 -15.89 -10.77 -1.86
C TYR A 203 -15.70 -9.29 -1.95
N SER A 204 -15.12 -8.81 -3.06
CA SER A 204 -14.92 -7.36 -3.23
C SER A 204 -15.04 -7.05 -4.72
N ASP A 205 -15.21 -5.77 -5.02
CA ASP A 205 -15.09 -5.28 -6.40
C ASP A 205 -14.12 -4.11 -6.50
N LYS A 206 -13.28 -3.95 -5.46
CA LYS A 206 -12.25 -2.93 -5.43
C LYS A 206 -10.97 -3.47 -6.06
N PRO A 207 -10.08 -2.58 -6.52
CA PRO A 207 -8.88 -3.07 -7.19
C PRO A 207 -7.97 -3.88 -6.24
N PHE A 208 -7.37 -4.93 -6.76
CA PHE A 208 -6.64 -5.89 -5.93
C PHE A 208 -5.23 -6.10 -6.43
N GLY A 210 -1.72 -8.78 -6.89
CA GLY A 210 -1.43 -10.12 -7.33
C GLY A 210 -0.46 -10.88 -6.49
N SER A 211 -0.30 -12.17 -6.82
CA SER A 211 0.62 -13.03 -6.06
C SER A 211 2.04 -12.80 -6.59
N VAL A 212 3.00 -12.80 -5.66
CA VAL A 212 4.40 -12.60 -6.01
C VAL A 212 5.31 -13.66 -5.45
N THR A 213 4.72 -14.72 -4.89
CA THR A 213 5.51 -15.67 -4.14
C THR A 213 6.24 -16.69 -4.99
N ALA A 214 5.82 -16.85 -6.22
CA ALA A 214 6.60 -17.62 -7.27
C ALA A 214 6.18 -17.12 -8.64
N PRO A 215 7.06 -17.23 -9.64
CA PRO A 215 6.62 -16.71 -10.95
C PRO A 215 5.39 -17.38 -11.53
N GLU A 216 5.25 -18.69 -11.34
CA GLU A 216 4.06 -19.39 -11.83
C GLU A 216 2.77 -18.89 -11.17
N ARG A 217 2.90 -18.36 -9.95
CA ARG A 217 1.75 -17.78 -9.24
C ARG A 217 1.38 -16.42 -9.76
N ALA A 218 2.39 -15.67 -10.21
CA ALA A 218 2.12 -14.45 -10.94
C ALA A 218 1.45 -14.78 -12.26
N GLU A 219 1.91 -15.84 -12.95
CA GLU A 219 1.25 -16.25 -14.19
CA GLU A 219 1.25 -16.22 -14.21
C GLU A 219 -0.21 -16.63 -13.93
N ASP A 220 -0.43 -17.36 -12.84
CA ASP A 220 -1.81 -17.71 -12.48
C ASP A 220 -2.67 -16.46 -12.20
N THR A 221 -2.10 -15.46 -11.55
CA THR A 221 -2.84 -14.24 -11.28
C THR A 221 -3.25 -13.57 -12.58
N VAL A 222 -2.32 -13.49 -13.52
CA VAL A 222 -2.62 -12.91 -14.84
C VAL A 222 -3.73 -13.72 -15.52
N ALA A 223 -3.66 -15.03 -15.47
CA ALA A 223 -4.67 -15.86 -16.11
C ALA A 223 -6.06 -15.63 -15.50
N ALA A 225 -6.99 -12.88 -13.93
CA ALA A 225 -7.37 -11.54 -14.32
C ALA A 225 -7.96 -11.52 -15.72
N LYS A 226 -7.38 -12.31 -16.63
CA LYS A 226 -7.90 -12.37 -18.00
C LYS A 226 -9.27 -13.01 -18.08
N ILE A 227 -9.53 -14.03 -17.26
CA ILE A 227 -10.88 -14.59 -17.14
C ILE A 227 -11.89 -13.50 -16.68
N LEU A 228 -11.46 -12.69 -15.74
CA LEU A 228 -12.32 -11.66 -15.14
C LEU A 228 -12.59 -10.46 -16.05
N PHE A 229 -11.52 -9.92 -16.65
CA PHE A 229 -11.57 -8.64 -17.39
C PHE A 229 -11.50 -8.81 -18.92
N GLY A 230 -11.05 -9.96 -19.40
CA GLY A 230 -10.74 -10.15 -20.82
C GLY A 230 -9.25 -10.13 -21.13
N ASP A 231 -8.84 -10.95 -22.10
CA ASP A 231 -7.43 -11.10 -22.43
CA ASP A 231 -7.44 -11.11 -22.47
C ASP A 231 -6.82 -9.78 -22.90
N ASP A 232 -7.42 -9.14 -23.92
CA ASP A 232 -6.83 -7.89 -24.42
CA ASP A 232 -6.97 -7.85 -24.47
C ASP A 232 -6.89 -6.78 -23.37
N PHE A 233 -7.94 -6.75 -22.57
CA PHE A 233 -8.06 -5.75 -21.52
C PHE A 233 -6.88 -5.79 -20.57
N VAL A 234 -6.50 -6.98 -20.11
CA VAL A 234 -5.37 -7.09 -19.20
C VAL A 234 -4.04 -6.67 -19.85
N GLU A 235 -3.84 -7.04 -21.13
CA GLU A 235 -2.61 -6.66 -21.79
C GLU A 235 -2.50 -5.15 -21.99
N ASN A 236 -3.62 -4.43 -21.91
CA ASN A 236 -3.62 -3.01 -22.16
C ASN A 236 -3.87 -2.13 -20.94
N ASN A 237 -4.15 -2.71 -19.78
CA ASN A 237 -4.58 -1.94 -18.61
C ASN A 237 -4.10 -2.64 -17.34
N ALA A 238 -3.57 -1.85 -16.40
CA ALA A 238 -3.18 -2.39 -15.12
C ALA A 238 -4.44 -2.73 -14.30
N VAL A 239 -4.55 -3.99 -13.90
CA VAL A 239 -5.62 -4.42 -13.00
C VAL A 239 -5.05 -4.93 -11.68
N THR A 240 -3.74 -5.00 -11.57
CA THR A 240 -3.05 -5.39 -10.33
C THR A 240 -1.86 -4.46 -10.08
N LEU A 241 -1.64 -4.19 -8.80
CA LEU A 241 -0.33 -3.73 -8.29
C LEU A 241 0.29 -4.90 -7.56
N ASN A 242 1.61 -5.03 -7.68
CA ASN A 242 2.30 -6.24 -7.25
C ASN A 242 3.55 -5.88 -6.50
N LEU A 243 3.71 -6.38 -5.29
CA LEU A 243 4.80 -5.96 -4.44
C LEU A 243 6.11 -6.63 -4.81
N ILE A 244 7.07 -5.85 -5.26
CA ILE A 244 8.39 -6.33 -5.69
C ILE A 244 9.43 -5.77 -4.72
N ASN A 245 9.73 -6.50 -3.65
CA ASN A 245 10.71 -6.03 -2.71
C ASN A 245 12.14 -6.21 -3.20
N ALA A 246 13.00 -5.28 -2.82
CA ALA A 246 14.43 -5.50 -2.82
C ALA A 246 14.77 -6.20 -1.52
N ASN A 247 15.78 -7.04 -1.60
CA ASN A 247 16.42 -7.59 -0.41
C ASN A 247 17.51 -6.63 0.01
N SER A 248 17.08 -5.54 0.62
CA SER A 248 18.00 -4.46 0.97
C SER A 248 19.00 -5.00 2.00
N PRO A 249 20.31 -4.67 1.90
CA PRO A 249 20.83 -3.65 0.96
C PRO A 249 21.23 -4.20 -0.42
N VAL A 251 20.26 -5.68 -3.20
CA VAL A 251 20.13 -6.99 -3.85
C VAL A 251 18.70 -7.12 -4.33
N PHE A 252 18.54 -7.62 -5.56
CA PHE A 252 17.24 -8.20 -6.00
C PHE A 252 17.45 -9.68 -6.21
N ASP A 253 16.56 -10.46 -5.62
CA ASP A 253 16.61 -11.91 -5.70
C ASP A 253 15.69 -12.50 -6.76
N GLU A 254 16.00 -13.74 -7.08
CA GLU A 254 15.32 -14.49 -8.11
C GLU A 254 13.79 -14.45 -8.07
N THR A 255 13.22 -14.70 -6.92
CA THR A 255 11.75 -14.76 -6.83
C THR A 255 11.11 -13.44 -7.18
N LEU A 257 12.48 -10.87 -8.83
CA LEU A 257 12.73 -10.57 -10.25
C LEU A 257 11.82 -11.39 -11.15
N GLY A 258 11.56 -12.64 -10.78
CA GLY A 258 10.68 -13.49 -11.57
C GLY A 258 9.25 -13.01 -11.63
N ALA A 259 8.72 -12.55 -10.49
CA ALA A 259 7.39 -11.95 -10.49
C ALA A 259 7.36 -10.64 -11.29
N ALA A 260 8.39 -9.83 -11.14
CA ALA A 260 8.48 -8.56 -11.87
C ALA A 260 8.46 -8.79 -13.36
N LYS A 261 9.19 -9.82 -13.83
CA LYS A 261 9.21 -10.12 -15.26
C LYS A 261 7.80 -10.51 -15.79
N VAL A 262 7.07 -11.31 -15.02
CA VAL A 262 5.73 -11.68 -15.46
C VAL A 262 4.82 -10.47 -15.55
N TYR A 263 4.72 -9.72 -14.45
CA TYR A 263 3.83 -8.59 -14.44
C TYR A 263 4.18 -7.50 -15.43
N ALA A 264 5.47 -7.18 -15.57
CA ALA A 264 5.86 -6.18 -16.56
C ALA A 264 5.55 -6.63 -17.99
N ARG A 265 5.62 -7.92 -18.30
CA ARG A 265 5.25 -8.35 -19.63
C ARG A 265 3.78 -8.28 -19.94
N HIS A 266 2.94 -8.24 -18.89
CA HIS A 266 1.49 -8.15 -19.06
C HIS A 266 0.89 -6.81 -18.63
N ASN A 267 1.70 -5.74 -18.62
CA ASN A 267 1.17 -4.37 -18.42
CA ASN A 267 1.32 -4.37 -18.36
C ASN A 267 0.65 -4.21 -17.00
N GLN A 268 1.12 -5.04 -16.06
CA GLN A 268 0.68 -4.93 -14.67
C GLN A 268 1.76 -4.21 -13.86
N ALA A 269 1.35 -3.61 -12.75
CA ALA A 269 2.25 -2.69 -12.07
C ALA A 269 3.10 -3.38 -11.02
N CYS A 270 4.35 -2.94 -10.95
CA CYS A 270 5.30 -3.39 -9.96
C CYS A 270 5.55 -2.27 -8.94
N VAL A 271 5.40 -2.58 -7.65
CA VAL A 271 5.69 -1.63 -6.59
C VAL A 271 7.08 -1.96 -6.08
N VAL A 272 8.10 -1.28 -6.60
CA VAL A 272 9.50 -1.62 -6.29
C VAL A 272 9.89 -1.04 -4.96
N SER A 273 10.12 -1.89 -3.98
CA SER A 273 10.13 -1.45 -2.59
C SER A 273 11.34 -1.98 -1.82
N PRO A 274 12.34 -1.14 -1.61
CA PRO A 274 13.33 -1.41 -0.57
C PRO A 274 12.63 -1.80 0.73
N PHE A 275 13.20 -2.74 1.45
CA PHE A 275 12.66 -3.18 2.73
C PHE A 275 13.73 -2.93 3.78
N ILE A 276 13.58 -1.83 4.51
CA ILE A 276 14.66 -1.30 5.29
C ILE A 276 14.29 -1.02 6.73
N LEU A 277 15.15 -1.52 7.63
CA LEU A 277 15.25 -1.02 8.98
C LEU A 277 16.57 -0.26 9.05
N SER A 278 16.50 1.04 9.27
CA SER A 278 17.71 1.88 9.25
CA SER A 278 17.69 1.88 9.25
C SER A 278 18.62 1.45 10.38
N GLY A 279 19.93 1.33 10.08
CA GLY A 279 20.87 0.75 11.03
C GLY A 279 21.13 -0.73 10.82
N ALA A 280 20.24 -1.42 10.13
CA ALA A 280 20.42 -2.85 9.88
C ALA A 280 20.53 -3.10 8.39
N SER A 282 20.10 -0.61 6.05
CA SER A 282 20.59 0.62 5.45
C SER A 282 21.38 1.37 6.54
N PRO A 283 22.10 2.44 6.17
CA PRO A 283 22.78 3.23 7.18
C PRO A 283 21.82 3.75 8.23
N VAL A 284 22.35 4.04 9.40
CA VAL A 284 21.52 4.49 10.51
C VAL A 284 20.99 5.90 10.27
N THR A 285 21.63 6.66 9.40
CA THR A 285 21.20 8.04 9.13
C THR A 285 20.15 8.18 8.00
N VAL A 286 19.41 9.28 8.06
CA VAL A 286 18.36 9.59 7.10
C VAL A 286 18.96 9.75 5.71
N ALA A 287 19.99 10.58 5.58
CA ALA A 287 20.57 10.81 4.29
C ALA A 287 21.17 9.53 3.65
N GLY A 288 21.84 8.71 4.43
CA GLY A 288 22.38 7.47 3.91
C GLY A 288 21.31 6.49 3.49
N THR A 289 20.25 6.41 4.29
CA THR A 289 19.12 5.57 3.98
C THR A 289 18.47 6.02 2.66
N LEU A 290 18.22 7.33 2.51
CA LEU A 290 17.64 7.84 1.28
C LEU A 290 18.48 7.53 0.05
N THR A 291 19.80 7.69 0.17
CA THR A 291 20.67 7.41 -0.93
C THR A 291 20.55 5.94 -1.37
N GLN A 292 20.56 5.04 -0.38
CA GLN A 292 20.44 3.61 -0.71
C GLN A 292 19.08 3.29 -1.32
N ILE A 293 18.03 3.85 -0.74
CA ILE A 293 16.70 3.69 -1.30
C ILE A 293 16.63 4.11 -2.76
N LEU A 294 17.16 5.28 -3.07
CA LEU A 294 17.07 5.81 -4.41
C LEU A 294 17.85 4.90 -5.37
N ALA A 295 19.02 4.42 -4.96
CA ALA A 295 19.82 3.49 -5.81
C ALA A 295 19.04 2.21 -6.10
N GLU A 296 18.45 1.60 -5.07
CA GLU A 296 17.69 0.36 -5.21
C GLU A 296 16.48 0.57 -6.13
N VAL A 297 15.74 1.67 -5.93
CA VAL A 297 14.59 1.93 -6.77
C VAL A 297 14.97 2.22 -8.20
N LEU A 298 16.01 3.03 -8.41
CA LEU A 298 16.43 3.28 -9.78
C LEU A 298 16.70 1.97 -10.53
N ALA A 299 17.44 1.06 -9.93
CA ALA A 299 17.81 -0.19 -10.61
C ALA A 299 16.58 -1.07 -10.83
N GLY A 300 15.80 -1.27 -9.77
CA GLY A 300 14.67 -2.19 -9.88
C GLY A 300 13.58 -1.65 -10.79
N ALA A 301 13.26 -0.36 -10.66
CA ALA A 301 12.24 0.23 -11.52
C ALA A 301 12.71 0.27 -12.97
N ALA A 302 13.98 0.64 -13.22
CA ALA A 302 14.47 0.64 -14.61
C ALA A 302 14.43 -0.73 -15.21
N PHE A 303 14.68 -1.76 -14.40
CA PHE A 303 14.58 -3.14 -14.86
C PHE A 303 13.22 -3.45 -15.48
N THR A 304 12.15 -2.93 -14.91
CA THR A 304 10.81 -3.19 -15.47
C THR A 304 10.69 -2.70 -16.93
N GLN A 305 11.41 -1.61 -17.24
CA GLN A 305 11.34 -1.01 -18.58
C GLN A 305 12.18 -1.81 -19.56
N LEU A 306 13.18 -2.55 -19.05
CA LEU A 306 13.93 -3.47 -19.89
C LEU A 306 13.10 -4.66 -20.33
N ILE A 307 12.13 -5.04 -19.51
CA ILE A 307 11.18 -6.08 -19.86
C ILE A 307 10.14 -5.53 -20.83
N ARG A 308 9.47 -4.42 -20.50
CA ARG A 308 8.54 -3.75 -21.42
CA ARG A 308 8.49 -3.79 -21.41
C ARG A 308 8.53 -2.27 -21.19
N LYS A 309 8.91 -1.50 -22.21
CA LYS A 309 8.83 -0.05 -22.13
C LYS A 309 7.39 0.33 -21.85
N GLY A 310 7.20 1.20 -20.87
CA GLY A 310 5.90 1.62 -20.48
C GLY A 310 5.24 0.79 -19.43
N ALA A 311 5.86 -0.30 -18.99
CA ALA A 311 5.24 -1.08 -17.91
C ALA A 311 5.06 -0.19 -16.67
N PRO A 312 3.89 -0.26 -16.01
CA PRO A 312 3.71 0.64 -14.88
C PRO A 312 4.54 0.23 -13.66
N VAL A 313 5.17 1.22 -13.02
CA VAL A 313 6.07 0.92 -11.93
C VAL A 313 6.05 2.05 -10.89
N LEU A 314 6.06 1.69 -9.61
CA LEU A 314 6.06 2.63 -8.51
C LEU A 314 7.40 2.64 -7.78
N PHE A 315 7.77 3.82 -7.27
CA PHE A 315 8.83 3.99 -6.31
C PHE A 315 8.22 3.67 -4.93
N GLY A 316 8.63 2.55 -4.35
CA GLY A 316 8.15 2.13 -3.03
C GLY A 316 9.22 2.32 -2.00
N THR A 317 8.83 2.35 -0.74
CA THR A 317 9.77 2.37 0.35
C THR A 317 9.01 1.71 1.55
N PHE A 318 9.61 0.71 2.18
CA PHE A 318 9.24 0.34 3.53
C PHE A 318 10.44 0.74 4.38
N ALA A 319 10.23 1.65 5.31
CA ALA A 319 11.33 2.15 6.11
C ALA A 319 10.93 2.35 7.55
N ALA A 320 11.63 1.65 8.41
CA ALA A 320 11.46 1.77 9.83
C ALA A 320 12.83 1.89 10.48
N SER A 321 12.87 2.03 11.79
CA SER A 321 14.13 2.11 12.52
C SER A 321 14.36 0.84 13.32
N ILE A 322 15.46 0.81 14.04
CA ILE A 322 15.72 -0.28 15.00
C ILE A 322 15.98 0.31 16.37
N SER A 323 15.72 -0.50 17.40
CA SER A 323 16.05 -0.14 18.77
C SER A 323 17.56 -0.38 18.92
N GLN A 325 19.09 -0.41 21.65
CA GLN A 325 19.21 -1.35 22.77
C GLN A 325 19.02 -2.80 22.29
N SER A 326 17.86 -3.06 21.69
CA SER A 326 17.44 -4.42 21.37
C SER A 326 17.83 -4.90 19.97
N GLY A 327 17.91 -3.99 19.01
CA GLY A 327 17.92 -4.35 17.60
C GLY A 327 16.53 -4.60 17.02
N ALA A 328 15.48 -4.38 17.80
CA ALA A 328 14.14 -4.67 17.34
C ALA A 328 13.65 -3.54 16.40
N PRO A 329 12.80 -3.86 15.42
CA PRO A 329 12.13 -2.93 14.49
C PRO A 329 11.26 -1.95 15.23
N THR A 330 11.39 -0.67 14.92
CA THR A 330 10.66 0.38 15.64
C THR A 330 10.00 1.32 14.67
N PHE A 331 8.85 1.85 15.08
CA PHE A 331 7.99 2.61 14.17
C PHE A 331 7.55 3.89 14.87
N GLY A 332 7.08 4.83 14.05
CA GLY A 332 6.50 6.03 14.63
C GLY A 332 7.47 7.04 15.15
N THR A 333 8.75 6.85 14.87
CA THR A 333 9.84 7.67 15.34
C THR A 333 10.20 8.69 14.28
N PRO A 334 11.06 9.65 14.62
CA PRO A 334 11.28 10.75 13.66
C PRO A 334 11.98 10.33 12.38
N GLU A 335 12.95 9.44 12.51
CA GLU A 335 13.85 9.14 11.38
C GLU A 335 13.07 8.50 10.19
N PRO A 336 12.18 7.50 10.42
CA PRO A 336 11.41 6.97 9.30
C PRO A 336 10.48 8.00 8.64
N SER A 337 9.97 8.95 9.42
CA SER A 337 9.13 9.97 8.82
C SER A 337 9.95 10.88 7.92
N LEU A 338 11.11 11.28 8.37
CA LEU A 338 11.97 12.13 7.56
C LEU A 338 12.43 11.42 6.30
N VAL A 339 12.82 10.18 6.44
CA VAL A 339 13.16 9.35 5.25
C VAL A 339 11.97 9.36 4.26
N SER A 340 10.78 9.09 4.74
CA SER A 340 9.66 8.97 3.83
C SER A 340 9.22 10.28 3.21
N TYR A 341 9.29 11.38 3.96
CA TYR A 341 9.01 12.68 3.35
C TYR A 341 10.01 12.97 2.23
N GLY A 342 11.28 12.70 2.50
CA GLY A 342 12.34 12.93 1.56
C GLY A 342 12.21 12.01 0.34
N ALA A 343 11.87 10.77 0.59
CA ALA A 343 11.77 9.80 -0.51
C ALA A 343 10.63 10.23 -1.46
N ALA A 344 9.54 10.74 -0.91
CA ALA A 344 8.45 11.25 -1.75
C ALA A 344 8.90 12.37 -2.69
N GLN A 345 9.74 13.27 -2.17
CA GLN A 345 10.31 14.29 -2.98
C GLN A 345 11.13 13.71 -4.11
N LEU A 346 11.96 12.73 -3.78
CA LEU A 346 12.82 12.08 -4.81
C LEU A 346 12.00 11.33 -5.85
N ALA A 347 10.89 10.72 -5.40
CA ALA A 347 9.98 10.03 -6.32
C ALA A 347 9.28 10.96 -7.31
N ARG A 348 8.86 12.11 -6.82
CA ARG A 348 8.19 13.09 -7.73
C ARG A 348 9.19 13.56 -8.76
N ARG A 349 10.44 13.77 -8.35
CA ARG A 349 11.47 14.24 -9.28
C ARG A 349 11.89 13.16 -10.27
N LEU A 350 11.83 11.90 -9.86
CA LEU A 350 12.07 10.77 -10.74
C LEU A 350 10.91 10.55 -11.72
N GLY A 351 9.70 10.94 -11.36
CA GLY A 351 8.51 10.77 -12.16
C GLY A 351 7.73 9.48 -11.99
N LEU A 352 7.86 8.83 -10.83
CA LEU A 352 7.12 7.61 -10.55
C LEU A 352 6.14 7.82 -9.42
N PRO A 353 4.95 7.20 -9.52
CA PRO A 353 4.09 7.19 -8.34
C PRO A 353 4.77 6.55 -7.12
N PHE A 354 4.42 7.03 -5.94
CA PHE A 354 5.17 6.78 -4.71
C PHE A 354 4.30 5.96 -3.73
N ARG A 355 4.94 4.97 -3.09
CA ARG A 355 4.33 4.17 -2.04
C ARG A 355 5.25 4.21 -0.82
N THR A 356 4.67 4.45 0.34
CA THR A 356 5.37 4.39 1.63
C THR A 356 4.29 4.42 2.73
N GLY A 357 4.74 4.31 3.96
CA GLY A 357 3.89 4.62 5.11
C GLY A 357 2.79 3.65 5.40
N GLY A 358 1.68 4.19 5.83
CA GLY A 358 0.58 3.39 6.35
C GLY A 358 0.41 3.57 7.84
N SER A 359 -0.45 2.75 8.43
CA SER A 359 -0.74 2.78 9.88
C SER A 359 0.15 1.74 10.58
N LEU A 360 1.44 2.05 10.65
CA LEU A 360 2.44 1.07 11.11
C LEU A 360 2.78 1.22 12.57
N CYS A 361 3.06 0.12 13.23
CA CYS A 361 3.43 0.10 14.64
C CYS A 361 4.08 -1.20 15.07
N GLY A 362 4.68 -1.16 16.24
CA GLY A 362 5.35 -2.31 16.82
C GLY A 362 4.66 -2.85 18.05
N SER A 363 3.63 -2.17 18.55
CA SER A 363 2.92 -2.67 19.70
C SER A 363 2.25 -3.99 19.50
N LYS A 364 2.06 -4.74 20.59
CA LYS A 364 1.39 -6.04 20.54
C LYS A 364 -0.12 -5.94 20.65
N VAL A 365 -0.60 -4.75 21.04
CA VAL A 365 -2.02 -4.54 21.32
C VAL A 365 -2.42 -3.20 20.70
N PRO A 366 -3.70 -3.01 20.40
CA PRO A 366 -4.17 -1.77 19.79
C PRO A 366 -4.29 -0.65 20.86
N ASP A 367 -3.21 -0.40 21.58
CA ASP A 367 -3.19 0.57 22.69
C ASP A 367 -2.64 1.91 22.22
N ALA A 368 -2.36 2.81 23.17
CA ALA A 368 -1.85 4.14 22.80
C ALA A 368 -0.53 4.13 22.10
N GLN A 369 0.29 3.08 22.32
CA GLN A 369 1.53 2.93 21.55
C GLN A 369 1.18 2.66 20.08
N ALA A 370 0.32 1.67 19.87
CA ALA A 370 -0.06 1.33 18.50
C ALA A 370 -0.57 2.56 17.79
N ALA A 371 -1.42 3.33 18.52
CA ALA A 371 -2.08 4.49 17.91
C ALA A 371 -1.12 5.63 17.63
N HIS A 372 -0.25 5.97 18.57
CA HIS A 372 0.73 7.03 18.31
C HIS A 372 1.63 6.67 17.13
N GLU A 373 2.08 5.42 17.12
CA GLU A 373 3.00 5.01 16.05
C GLU A 373 2.25 5.09 14.71
N SER A 374 1.05 4.53 14.66
CA SER A 374 0.25 4.53 13.44
C SER A 374 -0.14 5.92 12.99
N ALA A 375 -0.51 6.80 13.93
CA ALA A 375 -0.88 8.14 13.62
C ALA A 375 0.34 8.95 13.09
N ASN A 376 1.49 8.76 13.69
CA ASN A 376 2.68 9.47 13.26
C ASN A 376 2.98 9.04 11.82
N THR A 377 2.86 7.76 11.56
CA THR A 377 3.20 7.26 10.22
C THR A 377 2.13 7.72 9.22
N LEU A 378 0.85 7.61 9.61
CA LEU A 378 -0.23 7.95 8.68
C LEU A 378 -0.32 9.43 8.34
N ASN A 379 -0.09 10.29 9.32
CA ASN A 379 -0.09 11.72 9.02
CA ASN A 379 -0.02 11.74 9.08
C ASN A 379 1.04 12.09 8.04
N THR A 381 2.18 10.06 5.89
CA THR A 381 1.85 9.40 4.62
C THR A 381 0.99 10.34 3.78
N LEU A 382 0.02 10.98 4.42
CA LEU A 382 -0.85 11.89 3.67
C LEU A 382 -0.08 13.16 3.28
N LEU A 383 0.64 13.74 4.23
CA LEU A 383 1.26 15.04 3.98
C LEU A 383 2.42 14.95 3.00
N ALA A 384 3.04 13.78 2.91
CA ALA A 384 4.08 13.53 1.89
C ALA A 384 3.51 13.40 0.50
N GLY A 385 2.19 13.24 0.36
CA GLY A 385 1.59 13.04 -0.98
C GLY A 385 1.76 11.61 -1.46
N THR A 386 1.60 10.65 -0.59
CA THR A 386 1.84 9.26 -0.98
C THR A 386 0.71 8.82 -1.94
N ASN A 387 1.08 8.14 -3.03
CA ASN A 387 0.09 7.71 -4.02
C ASN A 387 -0.54 6.37 -3.69
N PHE A 388 0.23 5.43 -3.16
CA PHE A 388 -0.27 4.10 -2.86
C PHE A 388 0.19 3.75 -1.46
N VAL A 389 -0.77 3.46 -0.60
CA VAL A 389 -0.49 3.19 0.77
C VAL A 389 -0.84 1.75 1.08
N LEU A 390 0.18 0.90 1.05
CA LEU A 390 0.07 -0.43 1.60
C LEU A 390 0.04 -0.33 3.10
N HIS A 391 -0.64 -1.25 3.78
CA HIS A 391 -0.69 -1.29 5.24
C HIS A 391 -1.43 -0.08 5.83
N ALA A 392 -2.40 0.44 5.12
CA ALA A 392 -3.15 1.58 5.65
C ALA A 392 -4.00 1.26 6.85
N ALA A 393 -4.39 0.01 7.02
CA ALA A 393 -5.17 -0.46 8.19
C ALA A 393 -4.92 -1.88 8.52
N GLY A 394 -4.86 -2.19 9.78
CA GLY A 394 -4.80 -3.56 10.25
C GLY A 394 -3.48 -4.10 10.79
N TRP A 395 -2.36 -3.44 10.48
CA TRP A 395 -1.05 -3.90 10.94
C TRP A 395 -0.86 -3.75 12.44
N LEU A 396 -0.34 -4.80 13.06
CA LEU A 396 0.04 -4.76 14.44
C LEU A 396 1.30 -5.60 14.59
N GLU A 397 2.01 -5.41 15.69
CA GLU A 397 3.09 -6.26 16.10
C GLU A 397 4.16 -6.32 15.02
N GLY A 398 4.51 -5.15 14.46
CA GLY A 398 5.62 -5.09 13.56
C GLY A 398 5.42 -5.82 12.27
N GLY A 399 4.18 -6.09 11.91
CA GLY A 399 3.89 -6.78 10.66
C GLY A 399 3.60 -8.24 10.81
N LEU A 400 3.67 -8.77 12.03
CA LEU A 400 3.37 -10.19 12.26
C LEU A 400 1.92 -10.47 12.43
N VAL A 401 1.13 -9.42 12.73
CA VAL A 401 -0.29 -9.60 13.01
C VAL A 401 -1.19 -8.71 12.16
N SER A 402 -2.27 -9.30 11.64
CA SER A 402 -3.43 -8.58 11.09
C SER A 402 -4.48 -8.60 12.17
N SER A 403 -4.82 -7.42 12.68
CA SER A 403 -5.78 -7.29 13.82
C SER A 403 -7.12 -6.75 13.37
N TYR A 404 -8.21 -7.46 13.68
CA TYR A 404 -9.52 -6.99 13.31
C TYR A 404 -9.79 -5.64 14.02
N GLU A 405 -9.51 -5.57 15.30
CA GLU A 405 -9.83 -4.35 16.03
C GLU A 405 -9.00 -3.19 15.49
N LYS A 406 -7.71 -3.44 15.31
CA LYS A 406 -6.83 -2.41 14.78
C LYS A 406 -7.28 -1.96 13.37
N PHE A 407 -7.70 -2.89 12.54
CA PHE A 407 -8.20 -2.53 11.23
C PHE A 407 -9.34 -1.51 11.33
N ILE A 409 -10.10 0.58 13.80
CA ILE A 409 -9.64 1.87 14.34
C ILE A 409 -8.89 2.64 13.24
N ASP A 410 -8.05 1.93 12.51
CA ASP A 410 -7.25 2.56 11.47
C ASP A 410 -8.14 3.05 10.32
N GLN A 411 -9.09 2.26 9.89
CA GLN A 411 -9.92 2.68 8.75
C GLN A 411 -10.72 3.95 9.05
N ASP A 412 -11.07 4.13 10.31
CA ASP A 412 -11.71 5.34 10.76
C ASP A 412 -10.77 6.55 10.56
N GLN A 413 -9.51 6.38 10.92
CA GLN A 413 -8.51 7.38 10.67
C GLN A 413 -8.39 7.67 9.19
N LEU A 414 -8.46 6.62 8.37
CA LEU A 414 -8.38 6.84 6.93
C LEU A 414 -9.48 7.78 6.44
N GLY A 415 -10.70 7.64 6.98
CA GLY A 415 -11.78 8.57 6.61
C GLY A 415 -11.43 10.02 6.96
N GLN A 418 -8.99 11.25 4.36
CA GLN A 418 -9.71 11.53 3.13
C GLN A 418 -10.36 12.91 3.20
N LYS A 419 -10.96 13.24 4.32
CA LYS A 419 -11.60 14.54 4.47
C LYS A 419 -10.55 15.67 4.54
N ALA A 421 -7.66 15.82 3.22
CA ALA A 421 -7.06 16.01 1.89
C ALA A 421 -7.81 16.99 1.03
N GLU A 422 -9.09 17.24 1.33
CA GLU A 422 -9.89 18.21 0.55
C GLU A 422 -9.48 19.63 0.85
N GLY A 423 -8.78 19.85 1.95
CA GLY A 423 -8.28 21.19 2.31
C GLY A 423 -9.40 22.13 2.72
N VAL A 424 -9.15 23.42 2.56
CA VAL A 424 -10.05 24.46 3.13
C VAL A 424 -11.00 24.96 2.07
N ASP A 425 -12.30 24.89 2.34
CA ASP A 425 -13.32 25.43 1.46
C ASP A 425 -13.38 26.95 1.64
N LEU A 426 -13.28 27.67 0.52
CA LEU A 426 -13.31 29.13 0.59
C LEU A 426 -14.49 29.70 -0.20
N SER A 427 -15.56 28.90 -0.37
CA SER A 427 -16.77 29.38 -1.02
C SER A 427 -17.41 30.50 -0.16
N GLU A 428 -18.34 31.26 -0.75
CA GLU A 428 -19.07 32.30 -0.01
C GLU A 428 -19.83 31.70 1.17
N ASP A 429 -20.46 30.54 0.97
CA ASP A 429 -21.10 29.89 2.07
C ASP A 429 -20.09 29.52 3.18
N ALA A 430 -18.93 28.97 2.82
CA ALA A 430 -17.91 28.61 3.81
C ALA A 430 -17.36 29.83 4.57
N GLN A 431 -17.29 30.97 3.89
CA GLN A 431 -16.86 32.20 4.55
C GLN A 431 -17.76 32.61 5.73
N ALA A 432 -19.05 32.27 5.63
CA ALA A 432 -19.98 32.36 6.74
C ALA A 432 -20.22 33.75 7.27
N LEU A 433 -20.14 34.78 6.42
CA LEU A 433 -20.27 36.13 6.95
C LEU A 433 -21.67 36.42 7.46
N ASP A 434 -22.67 35.92 6.76
CA ASP A 434 -24.06 36.12 7.21
C ASP A 434 -24.35 35.42 8.54
N ALA A 435 -23.76 34.24 8.76
CA ALA A 435 -23.87 33.54 10.05
C ALA A 435 -23.22 34.34 11.17
N ILE A 436 -22.03 34.87 10.91
CA ILE A 436 -21.32 35.72 11.92
C ILE A 436 -22.19 36.97 12.27
N ARG A 437 -22.77 37.58 11.24
CA ARG A 437 -23.67 38.72 11.46
C ARG A 437 -24.92 38.39 12.24
N GLU A 438 -25.58 37.30 11.86
CA GLU A 438 -26.88 36.95 12.45
C GLU A 438 -26.71 36.48 13.89
N VAL A 439 -25.63 35.77 14.18
CA VAL A 439 -25.38 35.31 15.54
C VAL A 439 -24.89 36.50 16.36
N GLY A 440 -23.77 37.06 15.91
CA GLY A 440 -23.16 38.23 16.56
C GLY A 440 -22.51 37.91 17.91
N PRO A 441 -21.91 38.94 18.54
CA PRO A 441 -21.19 38.68 19.78
C PRO A 441 -22.07 38.16 20.91
N GLY A 442 -21.57 37.20 21.67
CA GLY A 442 -22.27 36.78 22.88
C GLY A 442 -23.36 35.75 22.64
N SER A 443 -23.56 35.32 21.39
CA SER A 443 -24.56 34.32 21.09
C SER A 443 -23.89 32.98 20.77
N HIS A 444 -24.55 32.11 20.03
CA HIS A 444 -23.94 30.86 19.64
C HIS A 444 -24.55 30.42 18.34
N TYR A 445 -23.87 29.50 17.69
CA TYR A 445 -24.16 29.09 16.32
C TYR A 445 -24.93 27.76 16.18
N LEU A 446 -25.19 27.07 17.29
CA LEU A 446 -25.83 25.73 17.24
C LEU A 446 -27.18 25.70 16.51
N GLY A 447 -27.96 26.76 16.67
CA GLY A 447 -29.31 26.82 16.14
C GLY A 447 -29.37 27.17 14.68
N CYS A 448 -28.38 27.92 14.17
CA CYS A 448 -28.55 28.51 12.83
C CYS A 448 -28.38 27.52 11.65
N ALA A 449 -29.00 27.90 10.54
CA ALA A 449 -29.13 27.05 9.36
C ALA A 449 -27.79 26.62 8.83
N HIS A 450 -26.89 27.61 8.75
CA HIS A 450 -25.52 27.41 8.33
C HIS A 450 -24.88 26.22 9.06
N THR A 451 -25.06 26.16 10.38
CA THR A 451 -24.67 24.99 11.16
C THR A 451 -25.67 23.89 10.85
N TYR A 460 -16.28 15.33 9.12
CA TYR A 460 -16.21 13.86 9.24
C TYR A 460 -16.69 13.37 10.61
N ARG A 461 -17.39 12.21 10.65
CA ARG A 461 -17.96 11.63 11.90
C ARG A 461 -17.40 10.23 12.18
N SER A 462 -16.59 10.07 13.22
CA SER A 462 -16.10 8.75 13.59
C SER A 462 -17.20 7.87 14.18
N PRO A 463 -17.34 6.63 13.68
CA PRO A 463 -18.32 5.75 14.34
C PRO A 463 -17.74 5.08 15.63
N LEU A 464 -16.47 5.36 15.98
CA LEU A 464 -15.76 4.68 17.07
C LEU A 464 -15.35 5.57 18.22
N ALA A 465 -15.09 6.87 17.97
CA ALA A 465 -14.76 7.78 19.06
C ALA A 465 -15.89 7.90 20.05
N ASP A 466 -15.57 7.85 21.34
CA ASP A 466 -16.53 8.17 22.34
C ASP A 466 -16.33 9.62 22.78
N ASN A 467 -17.35 10.43 22.50
CA ASN A 467 -17.32 11.83 22.77
C ASN A 467 -18.34 12.22 23.86
N ASN A 468 -18.79 11.22 24.61
CA ASN A 468 -19.78 11.44 25.65
C ASN A 468 -19.16 11.86 26.98
N SER A 469 -20.00 12.32 27.89
CA SER A 469 -19.53 12.61 29.26
C SER A 469 -18.94 11.39 29.92
N PHE A 470 -18.08 11.60 30.90
CA PHE A 470 -17.61 10.52 31.78
C PHE A 470 -18.77 9.68 32.30
N GLU A 471 -19.82 10.35 32.76
CA GLU A 471 -20.95 9.66 33.37
C GLU A 471 -21.62 8.73 32.39
N GLN A 472 -21.86 9.16 31.18
CA GLN A 472 -22.46 8.31 30.19
C GLN A 472 -21.55 7.14 29.81
N TRP A 473 -20.27 7.44 29.63
CA TRP A 473 -19.30 6.42 29.24
C TRP A 473 -19.15 5.34 30.34
N GLU A 474 -19.24 5.75 31.59
CA GLU A 474 -19.19 4.81 32.74
C GLU A 474 -20.44 3.94 32.73
N ILE A 475 -21.63 4.54 32.50
CA ILE A 475 -22.90 3.78 32.35
C ILE A 475 -22.82 2.73 31.23
N GLU A 476 -22.14 3.11 30.17
CA GLU A 476 -21.97 2.24 29.02
C GLU A 476 -20.76 1.31 29.12
N GLY A 477 -20.21 1.08 30.31
CA GLY A 477 -19.24 0.00 30.53
C GLY A 477 -17.77 0.40 30.49
N GLU A 478 -17.48 1.69 30.57
CA GLU A 478 -16.10 2.12 30.63
C GLU A 478 -15.27 1.49 29.50
N LYS A 479 -15.80 1.56 28.29
CA LYS A 479 -15.21 0.85 27.16
C LYS A 479 -14.05 1.60 26.50
N ARG A 480 -13.01 0.85 26.20
CA ARG A 480 -11.94 1.36 25.36
CA ARG A 480 -11.90 1.31 25.36
C ARG A 480 -12.37 1.24 23.90
N ILE A 481 -11.73 2.03 23.05
CA ILE A 481 -12.13 2.09 21.65
C ILE A 481 -12.05 0.72 20.97
N GLU A 482 -11.10 -0.11 21.35
CA GLU A 482 -10.97 -1.41 20.67
C GLU A 482 -12.16 -2.31 20.96
N GLN A 483 -12.84 -2.12 22.09
CA GLN A 483 -14.05 -2.87 22.40
CA GLN A 483 -14.05 -2.88 22.37
C GLN A 483 -15.17 -2.44 21.45
N ARG A 484 -15.32 -1.12 21.25
CA ARG A 484 -16.29 -0.64 20.29
C ARG A 484 -15.93 -1.09 18.84
N ALA A 485 -14.64 -1.11 18.55
CA ALA A 485 -14.15 -1.61 17.24
C ALA A 485 -14.50 -3.06 17.00
N ASN A 486 -14.36 -3.86 18.04
CA ASN A 486 -14.77 -5.28 17.99
C ASN A 486 -16.25 -5.41 17.61
N ALA A 487 -17.10 -4.65 18.31
CA ALA A 487 -18.53 -4.72 18.05
C ALA A 487 -18.89 -4.26 16.65
N LEU A 488 -18.18 -3.23 16.17
CA LEU A 488 -18.45 -2.69 14.88
C LEU A 488 -18.03 -3.68 13.77
N ALA A 489 -16.87 -4.31 13.93
CA ALA A 489 -16.41 -5.34 12.98
C ALA A 489 -17.44 -6.47 12.92
N ARG A 490 -17.93 -6.89 14.08
CA ARG A 490 -18.92 -7.98 14.11
C ARG A 490 -20.21 -7.58 13.37
N SER A 491 -20.64 -6.35 13.58
CA SER A 491 -21.82 -5.82 12.97
C SER A 491 -21.65 -5.72 11.47
N TRP A 492 -20.51 -5.19 11.03
CA TRP A 492 -20.24 -5.10 9.60
C TRP A 492 -20.25 -6.48 8.94
N LEU A 493 -19.64 -7.46 9.59
CA LEU A 493 -19.54 -8.79 8.98
C LEU A 493 -20.90 -9.47 8.94
N GLU A 494 -21.75 -9.20 9.92
CA GLU A 494 -23.14 -9.69 9.89
C GLU A 494 -23.97 -9.10 8.77
N HIS A 495 -23.75 -7.83 8.44
CA HIS A 495 -24.52 -7.16 7.42
C HIS A 495 -23.98 -7.18 6.03
N TYR A 496 -22.77 -7.68 5.88
CA TYR A 496 -22.11 -7.78 4.59
C TYR A 496 -22.95 -8.51 3.54
N GLU A 497 -22.97 -7.95 2.34
CA GLU A 497 -23.53 -8.60 1.15
C GLU A 497 -22.49 -8.54 0.07
N ALA A 498 -22.18 -9.68 -0.51
CA ALA A 498 -21.13 -9.72 -1.51
C ALA A 498 -21.53 -8.92 -2.76
N PRO A 499 -20.58 -8.21 -3.37
CA PRO A 499 -20.86 -7.54 -4.63
C PRO A 499 -21.12 -8.57 -5.72
N TYR A 500 -22.00 -8.24 -6.64
CA TYR A 500 -22.36 -9.13 -7.72
C TYR A 500 -21.15 -9.61 -8.52
N LEU A 501 -21.14 -10.88 -8.87
CA LEU A 501 -20.16 -11.44 -9.79
C LEU A 501 -20.89 -12.27 -10.84
N ASP A 502 -20.69 -11.96 -12.11
CA ASP A 502 -21.28 -12.75 -13.19
C ASP A 502 -21.06 -14.26 -12.97
N PRO A 503 -22.14 -15.05 -12.92
CA PRO A 503 -21.95 -16.49 -12.67
C PRO A 503 -21.09 -17.23 -13.69
N ALA A 504 -21.10 -16.82 -14.95
CA ALA A 504 -20.22 -17.39 -15.95
C ALA A 504 -18.75 -17.14 -15.63
N ILE A 505 -18.45 -15.95 -15.15
CA ILE A 505 -17.06 -15.62 -14.75
C ILE A 505 -16.69 -16.40 -13.51
N ASP A 506 -17.58 -16.46 -12.53
CA ASP A 506 -17.35 -17.25 -11.33
C ASP A 506 -17.01 -18.70 -11.69
N GLU A 507 -17.84 -19.31 -12.54
CA GLU A 507 -17.65 -20.71 -12.96
C GLU A 507 -16.30 -20.89 -13.65
N ALA A 508 -15.96 -19.98 -14.55
CA ALA A 508 -14.67 -20.07 -15.23
C ALA A 508 -13.50 -19.93 -14.30
N LEU A 509 -13.61 -19.03 -13.31
CA LEU A 509 -12.55 -18.93 -12.31
C LEU A 509 -12.41 -20.22 -11.49
N LYS A 510 -13.54 -20.76 -11.04
CA LYS A 510 -13.53 -21.99 -10.26
C LYS A 510 -12.97 -23.13 -11.07
N GLU A 511 -13.31 -23.17 -12.36
CA GLU A 511 -12.79 -24.26 -13.23
C GLU A 511 -11.28 -24.16 -13.38
N PHE A 512 -10.78 -22.92 -13.53
CA PHE A 512 -9.34 -22.67 -13.63
C PHE A 512 -8.61 -23.09 -12.37
N ILE A 513 -9.16 -22.65 -11.25
CA ILE A 513 -8.56 -22.96 -9.95
C ILE A 513 -8.51 -24.46 -9.75
N ALA A 514 -9.64 -25.15 -9.98
CA ALA A 514 -9.68 -26.59 -9.77
C ALA A 514 -8.67 -27.32 -10.64
N LYS A 515 -8.56 -26.90 -11.89
CA LYS A 515 -7.61 -27.51 -12.80
C LYS A 515 -6.18 -27.32 -12.29
N ARG A 516 -5.86 -26.10 -11.86
CA ARG A 516 -4.53 -25.84 -11.34
C ARG A 516 -4.26 -26.65 -10.09
N LYS A 517 -5.23 -26.72 -9.15
CA LYS A 517 -5.02 -27.50 -7.93
C LYS A 517 -4.81 -28.99 -8.22
N ASP A 518 -5.57 -29.50 -9.17
CA ASP A 518 -5.46 -30.93 -9.51
C ASP A 518 -4.14 -31.26 -10.18
N SER A 519 -3.48 -30.28 -10.77
CA SER A 519 -2.22 -30.51 -11.47
C SER A 519 -0.99 -30.61 -10.55
N PRO A 521 0.49 -31.87 -6.43
CA PRO A 521 0.23 -32.34 -5.04
C PRO A 521 0.53 -31.17 -4.08
N ASP A 522 -0.08 -31.14 -2.89
CA ASP A 522 0.08 -30.00 -1.93
C ASP A 522 1.55 -29.75 -1.51
#